data_1RWM
#
_entry.id   1RWM
#
_cell.length_a   63.221
_cell.length_b   63.221
_cell.length_c   161.164
_cell.angle_alpha   90.00
_cell.angle_beta   90.00
_cell.angle_gamma   90.00
#
_symmetry.space_group_name_H-M   'P 43 21 2'
#
loop_
_entity.id
_entity.type
_entity.pdbx_description
1 polymer 'Interleukin-1 beta convertase'
2 polymer 'Interleukin-1 beta convertase'
3 non-polymer '4-OXO-3-[2-(5-{[4-(QUINOXALIN-2-YLAMINO)-BENZOYLAMINO]-METHYL}-THIOPHEN-2-YL)-ACETYLAMINO]-PENTANOIC ACID'
4 water water
#
loop_
_entity_poly.entity_id
_entity_poly.type
_entity_poly.pdbx_seq_one_letter_code
_entity_poly.pdbx_strand_id
1 'polypeptide(L)'
;NPAMPTSSGSEGNVKLCSLEEAQRIWKQKSAEIYPIMDKSSRTRLALIICNEEFDSIPRRTGAEVDITGMTMLLQNLGYS
VDVKKNLTASDMTTELEAFAHRPEHKTSDSTFLVFMSHGIREGICGKKHSEQVPDILQLNAIFNMLNTKNCPSLKDKPKV
IIIQACRGDSPGVVWFKD
;
A
2 'polypeptide(L)'
;AIKKAHIEKDFIAFCSSTPDNVSWRHPTMGSVFIGRLIEHMQEYACSCDVEEIFRKVRFSFEQPDGRAQMPTTERVTLTR
CFYLFPGH
;
B
#
# COMPACT_ATOMS: atom_id res chain seq x y z
N THR A 6 12.49 12.40 -20.10
CA THR A 6 11.31 11.74 -20.77
C THR A 6 10.38 11.04 -19.77
N SER A 7 9.09 11.35 -19.87
CA SER A 7 8.08 10.80 -18.97
C SER A 7 6.83 10.30 -19.69
N SER A 8 6.96 10.10 -21.00
CA SER A 8 5.86 9.60 -21.82
C SER A 8 5.84 8.07 -21.89
N GLY A 9 6.86 7.44 -21.31
CA GLY A 9 7.00 5.99 -21.31
C GLY A 9 6.10 5.29 -20.30
N SER A 10 6.29 3.99 -20.15
CA SER A 10 5.46 3.15 -19.28
C SER A 10 5.59 3.49 -17.79
N GLU A 11 6.75 4.02 -17.40
CA GLU A 11 7.03 4.34 -16.01
C GLU A 11 6.64 5.77 -15.64
N GLY A 12 6.23 6.55 -16.65
CA GLY A 12 5.71 7.90 -16.46
C GLY A 12 6.60 8.80 -15.65
N ASN A 13 6.06 9.32 -14.55
CA ASN A 13 6.79 10.24 -13.67
C ASN A 13 7.71 9.57 -12.65
N VAL A 14 7.75 8.23 -12.67
CA VAL A 14 8.64 7.46 -11.82
C VAL A 14 10.05 7.48 -12.40
N LYS A 15 11.03 7.89 -11.58
CA LYS A 15 12.43 7.97 -11.99
C LYS A 15 13.02 6.59 -12.24
N LEU A 16 13.61 6.42 -13.41
CA LEU A 16 14.17 5.13 -13.83
C LEU A 16 15.42 4.77 -13.03
N CYS A 17 15.65 3.48 -12.84
CA CYS A 17 16.85 2.97 -12.17
C CYS A 17 17.84 2.49 -13.22
N SER A 18 18.97 3.18 -13.34
CA SER A 18 19.99 2.85 -14.33
C SER A 18 20.66 1.51 -14.02
N LEU A 19 21.19 0.86 -15.06
CA LEU A 19 21.84 -0.45 -14.89
C LEU A 19 23.10 -0.39 -14.03
N GLU A 20 23.76 0.77 -14.02
CA GLU A 20 24.93 0.99 -13.18
C GLU A 20 24.53 1.02 -11.70
N GLU A 21 23.45 1.74 -11.41
CA GLU A 21 22.91 1.83 -10.06
C GLU A 21 22.25 0.52 -9.62
N ALA A 22 21.67 -0.21 -10.57
CA ALA A 22 21.00 -1.48 -10.30
C ALA A 22 21.97 -2.59 -9.89
N GLN A 23 23.18 -2.57 -10.44
CA GLN A 23 24.21 -3.56 -10.10
C GLN A 23 25.05 -3.12 -8.90
N ARG A 24 25.04 -1.82 -8.62
CA ARG A 24 25.69 -1.27 -7.43
C ARG A 24 24.84 -1.48 -6.18
N ILE A 25 23.55 -1.73 -6.37
CA ILE A 25 22.63 -2.09 -5.28
C ILE A 25 22.80 -3.58 -4.92
N TRP A 26 23.07 -4.41 -5.93
CA TRP A 26 23.38 -5.83 -5.71
C TRP A 26 24.82 -6.06 -5.22
N LYS A 27 25.51 -4.97 -4.90
CA LYS A 27 26.86 -5.03 -4.34
C LYS A 27 26.85 -4.61 -2.87
N GLN A 28 25.99 -3.65 -2.53
CA GLN A 28 25.83 -3.18 -1.16
C GLN A 28 25.21 -4.25 -0.26
N LYS A 29 24.24 -4.99 -0.82
CA LYS A 29 23.63 -6.14 -0.16
C LYS A 29 23.60 -7.31 -1.14
N SER A 30 24.07 -8.48 -0.68
CA SER A 30 24.21 -9.66 -1.55
C SER A 30 22.86 -10.32 -1.85
N ALA A 31 22.67 -11.55 -1.35
CA ALA A 31 21.40 -12.26 -1.46
C ALA A 31 20.50 -11.87 -0.29
N GLU A 32 20.33 -10.57 -0.10
CA GLU A 32 19.45 -10.01 0.91
C GLU A 32 18.42 -9.10 0.25
N ILE A 33 18.22 -9.32 -1.06
CA ILE A 33 17.25 -8.59 -1.87
C ILE A 33 16.23 -9.57 -2.48
N TYR A 34 14.97 -9.17 -2.51
CA TYR A 34 13.91 -9.98 -3.09
C TYR A 34 14.15 -10.16 -4.59
N PRO A 35 14.17 -11.40 -5.06
CA PRO A 35 14.42 -11.70 -6.47
C PRO A 35 13.36 -11.07 -7.38
N ILE A 36 13.79 -10.55 -8.53
CA ILE A 36 12.90 -9.91 -9.50
C ILE A 36 12.80 -10.75 -10.77
N MET A 37 11.57 -10.97 -11.23
CA MET A 37 11.32 -11.79 -12.40
C MET A 37 11.61 -11.06 -13.71
N ASP A 38 11.80 -11.85 -14.77
CA ASP A 38 12.00 -11.34 -16.13
C ASP A 38 10.87 -10.42 -16.55
N LYS A 39 11.22 -9.21 -16.99
CA LYS A 39 10.23 -8.23 -17.45
C LYS A 39 9.35 -8.78 -18.57
N SER A 40 9.93 -9.64 -19.40
CA SER A 40 9.23 -10.25 -20.53
C SER A 40 8.00 -11.05 -20.09
N SER A 41 8.21 -12.07 -19.26
CA SER A 41 7.16 -13.03 -18.94
C SER A 41 6.25 -12.67 -17.76
N ARG A 42 6.74 -11.82 -16.85
CA ARG A 42 6.09 -11.63 -15.54
C ARG A 42 4.70 -10.97 -15.60
N THR A 43 3.82 -11.41 -14.70
CA THR A 43 2.43 -10.95 -14.69
C THR A 43 2.10 -10.32 -13.33
N ARG A 44 2.58 -9.11 -13.10
CA ARG A 44 2.39 -8.41 -11.82
C ARG A 44 0.97 -7.89 -11.64
N LEU A 45 0.43 -8.12 -10.45
CA LEU A 45 -0.93 -7.71 -10.10
C LEU A 45 -0.94 -6.71 -8.95
N ALA A 46 -1.75 -5.66 -9.08
CA ALA A 46 -2.08 -4.80 -7.95
C ALA A 46 -3.60 -4.70 -7.78
N LEU A 47 -4.04 -4.27 -6.60
CA LEU A 47 -5.47 -4.11 -6.33
C LEU A 47 -5.75 -2.91 -5.45
N ILE A 48 -6.58 -2.00 -5.94
CA ILE A 48 -7.02 -0.86 -5.15
C ILE A 48 -8.52 -0.96 -4.86
N ILE A 49 -8.86 -0.91 -3.58
CA ILE A 49 -10.25 -0.81 -3.14
C ILE A 49 -10.46 0.56 -2.53
N CYS A 50 -11.36 1.33 -3.13
CA CYS A 50 -11.62 2.69 -2.69
C CYS A 50 -13.10 2.88 -2.43
N ASN A 51 -13.44 3.35 -1.23
CA ASN A 51 -14.82 3.68 -0.90
C ASN A 51 -15.01 5.19 -0.88
N GLU A 52 -15.82 5.70 -1.81
CA GLU A 52 -16.12 7.13 -1.91
C GLU A 52 -17.57 7.43 -1.49
N GLU A 53 -18.51 6.62 -1.96
CA GLU A 53 -19.92 6.77 -1.66
C GLU A 53 -20.33 5.88 -0.50
N PHE A 54 -20.82 6.51 0.57
CA PHE A 54 -21.26 5.80 1.77
C PHE A 54 -22.74 6.06 2.03
N ASP A 55 -23.38 5.13 2.73
CA ASP A 55 -24.82 5.23 3.01
C ASP A 55 -25.14 6.33 4.02
N SER A 56 -24.41 6.34 5.13
CA SER A 56 -24.68 7.26 6.24
C SER A 56 -23.55 8.27 6.46
N ILE A 57 -22.32 7.77 6.54
CA ILE A 57 -21.16 8.61 6.79
C ILE A 57 -20.82 9.47 5.57
N PRO A 58 -20.21 10.64 5.79
CA PRO A 58 -20.01 11.64 4.73
C PRO A 58 -19.21 11.17 3.51
N ARG A 59 -19.39 11.88 2.39
CA ARG A 59 -18.75 11.54 1.12
C ARG A 59 -17.28 11.95 1.10
N ARG A 60 -16.43 11.05 0.59
CA ARG A 60 -14.98 11.25 0.56
C ARG A 60 -14.54 12.02 -0.68
N THR A 61 -14.97 13.28 -0.77
CA THR A 61 -14.68 14.13 -1.92
C THR A 61 -13.17 14.24 -2.13
N GLY A 62 -12.71 13.88 -3.32
CA GLY A 62 -11.30 13.93 -3.65
C GLY A 62 -10.62 12.58 -3.75
N ALA A 63 -11.34 11.51 -3.40
CA ALA A 63 -10.82 10.14 -3.52
C ALA A 63 -10.45 9.77 -4.95
N GLU A 64 -11.10 10.41 -5.92
CA GLU A 64 -10.83 10.19 -7.33
C GLU A 64 -9.38 10.53 -7.70
N VAL A 65 -8.86 11.61 -7.12
CA VAL A 65 -7.47 12.01 -7.35
C VAL A 65 -6.50 10.98 -6.77
N ASP A 66 -6.93 10.31 -5.70
CA ASP A 66 -6.14 9.25 -5.09
C ASP A 66 -6.18 7.98 -5.93
N ILE A 67 -7.36 7.64 -6.45
CA ILE A 67 -7.50 6.49 -7.35
C ILE A 67 -6.66 6.72 -8.61
N THR A 68 -6.82 7.88 -9.23
CA THR A 68 -6.01 8.25 -10.39
C THR A 68 -4.51 8.13 -10.09
N GLY A 69 -4.07 8.83 -9.05
CA GLY A 69 -2.66 8.88 -8.69
C GLY A 69 -2.04 7.53 -8.42
N MET A 70 -2.70 6.74 -7.56
CA MET A 70 -2.21 5.43 -7.15
C MET A 70 -2.17 4.44 -8.30
N THR A 71 -3.27 4.38 -9.06
CA THR A 71 -3.39 3.48 -10.21
C THR A 71 -2.28 3.75 -11.21
N MET A 72 -2.07 5.02 -11.54
CA MET A 72 -1.01 5.41 -12.46
C MET A 72 0.37 5.05 -11.92
N LEU A 73 0.57 5.20 -10.61
CA LEU A 73 1.87 4.92 -9.98
C LEU A 73 2.19 3.43 -10.00
N LEU A 74 1.21 2.63 -9.62
CA LEU A 74 1.37 1.17 -9.56
C LEU A 74 1.57 0.56 -10.94
N GLN A 75 0.96 1.18 -11.94
CA GLN A 75 1.14 0.76 -13.32
C GLN A 75 2.56 1.08 -13.78
N ASN A 76 3.05 2.25 -13.40
CA ASN A 76 4.42 2.69 -13.67
C ASN A 76 5.45 1.70 -13.12
N LEU A 77 5.15 1.12 -11.97
CA LEU A 77 6.03 0.17 -11.31
C LEU A 77 5.91 -1.23 -11.93
N GLY A 78 4.95 -1.38 -12.85
CA GLY A 78 4.80 -2.60 -13.64
C GLY A 78 3.65 -3.52 -13.24
N TYR A 79 2.67 -2.99 -12.50
CA TYR A 79 1.54 -3.81 -12.03
C TYR A 79 0.27 -3.58 -12.84
N SER A 80 -0.51 -4.64 -13.02
CA SER A 80 -1.82 -4.55 -13.63
C SER A 80 -2.84 -4.23 -12.54
N VAL A 81 -3.28 -2.98 -12.52
CA VAL A 81 -4.08 -2.45 -11.41
C VAL A 81 -5.55 -2.77 -11.54
N ASP A 82 -6.07 -3.51 -10.57
CA ASP A 82 -7.50 -3.77 -10.46
C ASP A 82 -8.10 -2.74 -9.49
N VAL A 83 -9.14 -2.05 -9.94
CA VAL A 83 -9.77 -1.01 -9.12
C VAL A 83 -11.19 -1.39 -8.73
N LYS A 84 -11.46 -1.42 -7.43
CA LYS A 84 -12.78 -1.77 -6.93
C LYS A 84 -13.30 -0.65 -6.03
N LYS A 85 -14.61 -0.44 -6.08
CA LYS A 85 -15.21 0.75 -5.47
C LYS A 85 -16.47 0.48 -4.67
N ASN A 86 -16.67 1.28 -3.62
CA ASN A 86 -17.87 1.28 -2.79
C ASN A 86 -18.38 -0.12 -2.43
N LEU A 87 -17.58 -0.82 -1.65
CA LEU A 87 -17.87 -2.20 -1.25
C LEU A 87 -18.10 -2.30 0.26
N THR A 88 -18.87 -3.30 0.66
CA THR A 88 -19.07 -3.60 2.08
C THR A 88 -17.89 -4.42 2.56
N ALA A 89 -17.75 -4.57 3.87
CA ALA A 89 -16.67 -5.39 4.44
C ALA A 89 -16.75 -6.84 3.93
N SER A 90 -17.98 -7.31 3.72
CA SER A 90 -18.24 -8.63 3.15
C SER A 90 -17.79 -8.68 1.70
N ASP A 91 -18.11 -7.62 0.97
CA ASP A 91 -17.75 -7.49 -0.44
C ASP A 91 -16.24 -7.41 -0.63
N MET A 92 -15.56 -6.75 0.30
CA MET A 92 -14.11 -6.57 0.24
C MET A 92 -13.38 -7.88 0.46
N THR A 93 -13.90 -8.67 1.41
CA THR A 93 -13.43 -10.02 1.69
C THR A 93 -13.52 -10.89 0.44
N THR A 94 -14.69 -10.88 -0.22
CA THR A 94 -14.92 -11.64 -1.43
C THR A 94 -13.90 -11.28 -2.53
N GLU A 95 -13.62 -9.99 -2.66
CA GLU A 95 -12.70 -9.47 -3.66
C GLU A 95 -11.24 -9.76 -3.30
N LEU A 96 -10.93 -9.69 -2.01
CA LEU A 96 -9.61 -10.07 -1.51
C LEU A 96 -9.37 -11.58 -1.65
N GLU A 97 -10.43 -12.36 -1.43
CA GLU A 97 -10.42 -13.81 -1.63
C GLU A 97 -10.14 -14.16 -3.09
N ALA A 98 -10.75 -13.39 -3.99
CA ALA A 98 -10.63 -13.60 -5.44
C ALA A 98 -9.25 -13.22 -5.97
N PHE A 99 -8.73 -12.09 -5.48
CA PHE A 99 -7.38 -11.63 -5.81
C PHE A 99 -6.32 -12.62 -5.34
N ALA A 100 -6.57 -13.24 -4.20
CA ALA A 100 -5.71 -14.28 -3.65
C ALA A 100 -5.73 -15.57 -4.48
N HIS A 101 -6.71 -15.69 -5.37
CA HIS A 101 -6.89 -16.89 -6.18
C HIS A 101 -6.46 -16.72 -7.65
N ARG A 102 -6.06 -15.50 -8.01
CA ARG A 102 -5.67 -15.16 -9.39
C ARG A 102 -4.39 -15.87 -9.81
N PRO A 103 -4.42 -16.57 -10.94
CA PRO A 103 -3.28 -17.37 -11.40
C PRO A 103 -1.99 -16.58 -11.70
N GLU A 104 -2.12 -15.29 -12.06
CA GLU A 104 -0.97 -14.46 -12.41
C GLU A 104 0.06 -14.29 -11.30
N HIS A 105 -0.37 -14.45 -10.04
CA HIS A 105 0.54 -14.38 -8.89
C HIS A 105 1.66 -15.41 -8.98
N LYS A 106 1.36 -16.57 -9.55
CA LYS A 106 2.34 -17.65 -9.79
C LYS A 106 3.49 -17.16 -10.65
N THR A 107 3.18 -16.33 -11.65
CA THR A 107 4.19 -15.71 -12.50
C THR A 107 4.41 -14.25 -12.12
N SER A 108 4.33 -13.95 -10.83
CA SER A 108 4.62 -12.62 -10.31
C SER A 108 5.66 -12.69 -9.19
N ASP A 109 6.26 -11.55 -8.85
CA ASP A 109 7.31 -11.49 -7.84
C ASP A 109 6.87 -10.75 -6.58
N SER A 110 5.83 -9.94 -6.71
CA SER A 110 5.32 -9.12 -5.62
C SER A 110 3.90 -8.67 -5.92
N THR A 111 3.28 -8.00 -4.94
CA THR A 111 1.96 -7.42 -5.13
C THR A 111 1.77 -6.17 -4.25
N PHE A 112 0.77 -5.36 -4.61
CA PHE A 112 0.42 -4.19 -3.83
C PHE A 112 -1.08 -4.19 -3.55
N LEU A 113 -1.44 -4.10 -2.28
CA LEU A 113 -2.82 -3.91 -1.89
C LEU A 113 -2.98 -2.49 -1.37
N VAL A 114 -3.96 -1.77 -1.89
CA VAL A 114 -4.22 -0.39 -1.47
C VAL A 114 -5.68 -0.23 -1.05
N PHE A 115 -5.90 0.21 0.18
CA PHE A 115 -7.24 0.46 0.68
C PHE A 115 -7.38 1.94 1.02
N MET A 116 -8.43 2.56 0.51
CA MET A 116 -8.72 3.96 0.77
C MET A 116 -10.19 4.05 1.14
N SER A 117 -10.46 4.43 2.38
CA SER A 117 -11.82 4.53 2.90
C SER A 117 -11.80 5.29 4.20
N HIS A 118 -12.99 5.50 4.78
CA HIS A 118 -13.09 5.91 6.18
C HIS A 118 -12.58 4.79 7.06
N GLY A 119 -12.07 5.14 8.23
CA GLY A 119 -11.56 4.14 9.15
C GLY A 119 -11.80 4.52 10.58
N ILE A 120 -11.85 3.50 11.44
CA ILE A 120 -11.90 3.67 12.88
C ILE A 120 -10.75 2.90 13.52
N ARG A 121 -10.66 2.98 14.84
CA ARG A 121 -9.63 2.29 15.61
C ARG A 121 -9.55 0.79 15.27
N GLU A 122 -10.68 0.18 15.00
CA GLU A 122 -10.77 -1.26 14.80
C GLU A 122 -10.41 -1.74 13.39
N GLY A 123 -10.71 -0.91 12.38
CA GLY A 123 -10.44 -1.27 10.99
C GLY A 123 -10.90 -0.30 9.92
N ILE A 124 -11.13 -0.84 8.72
CA ILE A 124 -11.48 -0.05 7.53
C ILE A 124 -12.99 -0.15 7.26
N CYS A 125 -13.61 0.99 6.96
CA CYS A 125 -15.07 1.08 6.82
C CYS A 125 -15.58 0.66 5.44
N GLY A 126 -16.57 -0.24 5.45
CA GLY A 126 -17.31 -0.59 4.25
C GLY A 126 -18.40 0.42 3.98
N LYS A 127 -18.91 0.42 2.74
CA LYS A 127 -19.87 1.44 2.28
C LYS A 127 -21.12 1.60 3.16
N LYS A 128 -21.52 0.52 3.84
CA LYS A 128 -22.75 0.50 4.62
C LYS A 128 -22.51 0.74 6.12
N HIS A 129 -21.38 1.32 6.47
CA HIS A 129 -21.01 1.47 7.87
C HIS A 129 -21.80 2.56 8.59
N SER A 130 -22.19 2.26 9.83
CA SER A 130 -22.71 3.25 10.78
C SER A 130 -22.37 2.81 12.21
N GLU A 131 -22.49 3.74 13.16
CA GLU A 131 -22.18 3.47 14.56
C GLU A 131 -23.07 2.38 15.20
N GLN A 132 -24.31 2.27 14.73
CA GLN A 132 -25.24 1.25 15.23
C GLN A 132 -24.97 -0.10 14.59
N VAL A 133 -24.75 -0.10 13.28
CA VAL A 133 -24.41 -1.30 12.53
C VAL A 133 -23.03 -1.15 11.88
N PRO A 134 -21.99 -1.60 12.59
CA PRO A 134 -20.62 -1.52 12.06
C PRO A 134 -20.41 -2.37 10.81
N ASP A 135 -19.70 -1.82 9.84
CA ASP A 135 -19.31 -2.54 8.63
C ASP A 135 -17.81 -2.36 8.43
N ILE A 136 -17.03 -3.18 9.13
CA ILE A 136 -15.59 -2.97 9.30
C ILE A 136 -14.76 -4.15 8.80
N LEU A 137 -13.75 -3.84 7.98
CA LEU A 137 -12.73 -4.82 7.61
C LEU A 137 -11.48 -4.61 8.45
N GLN A 138 -11.06 -5.65 9.15
CA GLN A 138 -9.90 -5.59 10.02
C GLN A 138 -8.59 -5.78 9.26
N LEU A 139 -7.55 -5.10 9.73
CA LEU A 139 -6.20 -5.28 9.22
C LEU A 139 -5.84 -6.77 9.23
N ASN A 140 -6.20 -7.43 10.33
CA ASN A 140 -5.99 -8.86 10.49
C ASN A 140 -6.53 -9.67 9.31
N ALA A 141 -7.72 -9.31 8.84
CA ALA A 141 -8.37 -10.03 7.74
C ALA A 141 -7.55 -10.01 6.44
N ILE A 142 -7.07 -8.83 6.05
CA ILE A 142 -6.21 -8.67 4.87
C ILE A 142 -4.97 -9.59 4.89
N PHE A 143 -4.21 -9.55 5.98
CA PHE A 143 -3.03 -10.39 6.17
C PHE A 143 -3.35 -11.88 6.14
N ASN A 144 -4.39 -12.25 6.88
CA ASN A 144 -4.89 -13.62 6.94
C ASN A 144 -5.21 -14.15 5.56
N MET A 145 -5.78 -13.29 4.72
CA MET A 145 -6.24 -13.65 3.39
C MET A 145 -5.12 -13.68 2.35
N LEU A 146 -3.95 -13.17 2.73
CA LEU A 146 -2.84 -13.05 1.80
C LEU A 146 -1.63 -13.87 2.22
N ASN A 147 -1.74 -14.56 3.37
CA ASN A 147 -0.61 -15.33 3.88
C ASN A 147 -0.32 -16.59 3.06
N THR A 148 0.54 -17.46 3.59
CA THR A 148 0.97 -18.65 2.87
C THR A 148 -0.09 -19.75 2.84
N LYS A 149 -1.00 -19.73 3.81
CA LYS A 149 -2.06 -20.72 3.91
C LYS A 149 -3.15 -20.46 2.87
N ASN A 150 -3.50 -19.17 2.70
CA ASN A 150 -4.59 -18.79 1.81
C ASN A 150 -4.17 -18.29 0.44
N CYS A 151 -2.93 -17.81 0.34
CA CYS A 151 -2.37 -17.32 -0.92
C CYS A 151 -0.99 -17.94 -1.14
N PRO A 152 -0.94 -19.24 -1.47
CA PRO A 152 0.35 -19.94 -1.65
C PRO A 152 1.16 -19.47 -2.86
N SER A 153 0.51 -18.88 -3.86
CA SER A 153 1.20 -18.33 -5.02
C SER A 153 2.17 -17.22 -4.63
N LEU A 154 1.80 -16.45 -3.62
CA LEU A 154 2.60 -15.31 -3.18
C LEU A 154 3.58 -15.64 -2.05
N LYS A 155 3.77 -16.92 -1.77
CA LYS A 155 4.79 -17.38 -0.82
C LYS A 155 6.18 -16.81 -1.17
N ASP A 156 6.90 -16.38 -0.13
CA ASP A 156 8.26 -15.81 -0.26
C ASP A 156 8.36 -14.54 -1.10
N LYS A 157 7.22 -13.89 -1.31
CA LYS A 157 7.15 -12.69 -2.16
C LYS A 157 6.55 -11.53 -1.37
N PRO A 158 7.14 -10.34 -1.50
CA PRO A 158 6.65 -9.17 -0.77
C PRO A 158 5.21 -8.81 -1.12
N LYS A 159 4.42 -8.55 -0.08
CA LYS A 159 3.04 -8.09 -0.24
C LYS A 159 2.94 -6.76 0.47
N VAL A 160 2.72 -5.69 -0.29
CA VAL A 160 2.70 -4.34 0.27
C VAL A 160 1.26 -3.83 0.41
N ILE A 161 0.87 -3.62 1.66
CA ILE A 161 -0.47 -3.12 1.98
C ILE A 161 -0.39 -1.63 2.35
N ILE A 162 -1.21 -0.82 1.68
CA ILE A 162 -1.29 0.60 1.93
C ILE A 162 -2.70 0.96 2.37
N ILE A 163 -2.80 1.66 3.51
CA ILE A 163 -4.10 2.08 4.02
C ILE A 163 -4.18 3.59 4.24
N GLN A 164 -5.08 4.24 3.49
CA GLN A 164 -5.47 5.61 3.73
C GLN A 164 -6.79 5.64 4.52
N ALA A 165 -6.72 6.05 5.79
CA ALA A 165 -7.89 6.09 6.67
C ALA A 165 -7.54 6.68 8.04
N CYS A 166 -8.54 7.27 8.70
CA CYS A 166 -8.43 7.59 10.12
C CYS A 166 -8.29 6.29 10.91
N ARG A 167 -7.67 6.37 12.08
CA ARG A 167 -7.56 5.21 12.97
C ARG A 167 -8.13 5.55 14.34
N GLY A 168 -9.11 6.45 14.35
CA GLY A 168 -9.64 7.06 15.56
C GLY A 168 -10.00 8.50 15.30
N ASP A 169 -10.42 9.22 16.34
CA ASP A 169 -10.92 10.58 16.19
C ASP A 169 -9.91 11.69 16.57
N SER A 170 -8.86 11.32 17.32
CA SER A 170 -7.92 12.30 17.87
C SER A 170 -7.05 12.99 16.80
N PRO A 171 -6.66 14.24 17.07
CA PRO A 171 -5.80 14.99 16.13
C PRO A 171 -4.35 14.53 16.15
N GLY A 172 -3.98 13.74 17.15
CA GLY A 172 -2.64 13.19 17.27
C GLY A 172 -1.56 14.19 17.59
N VAL A 173 -1.90 15.19 18.41
CA VAL A 173 -0.95 16.23 18.78
C VAL A 173 -0.94 16.55 20.27
N VAL A 174 0.23 16.92 20.76
CA VAL A 174 0.41 17.50 22.10
C VAL A 174 1.15 18.83 21.94
N TRP A 175 0.97 19.74 22.89
CA TRP A 175 1.71 21.02 22.89
C TRP A 175 2.94 20.92 23.79
N PHE A 176 3.94 21.75 23.49
CA PHE A 176 5.14 21.90 24.30
C PHE A 176 5.71 23.32 24.16
N LYS A 177 6.44 23.79 25.18
CA LYS A 177 7.11 25.08 25.14
C LYS A 177 8.33 25.03 24.20
N ASP A 178 8.41 26.00 23.29
CA ASP A 178 9.50 26.06 22.31
C ASP A 178 10.85 26.45 22.94
N ALA B 1 8.02 -34.78 -1.40
CA ALA B 1 7.69 -34.72 0.04
C ALA B 1 7.09 -33.37 0.40
N ILE B 2 6.89 -33.14 1.70
CA ILE B 2 6.34 -31.88 2.17
C ILE B 2 7.34 -31.12 3.05
N LYS B 3 7.41 -29.82 2.84
CA LYS B 3 8.28 -28.95 3.63
C LYS B 3 7.46 -27.93 4.41
N LYS B 4 8.00 -27.47 5.53
CA LYS B 4 7.33 -26.47 6.36
C LYS B 4 7.66 -25.07 5.90
N ALA B 5 6.64 -24.20 5.87
CA ALA B 5 6.83 -22.79 5.57
C ALA B 5 6.15 -21.92 6.64
N HIS B 6 6.70 -20.73 6.83
CA HIS B 6 6.06 -19.74 7.71
C HIS B 6 4.71 -19.36 7.13
N ILE B 7 3.69 -19.30 7.98
CA ILE B 7 2.35 -18.94 7.54
C ILE B 7 2.28 -17.45 7.16
N GLU B 8 2.98 -16.61 7.91
CA GLU B 8 3.00 -15.18 7.66
C GLU B 8 4.43 -14.71 7.50
N LYS B 9 4.74 -14.17 6.33
CA LYS B 9 6.08 -13.72 5.99
C LYS B 9 6.03 -12.83 4.76
N ASP B 10 7.03 -11.95 4.64
CA ASP B 10 7.19 -11.05 3.51
C ASP B 10 6.05 -10.04 3.38
N PHE B 11 5.59 -9.53 4.52
CA PHE B 11 4.52 -8.53 4.57
C PHE B 11 5.07 -7.16 4.97
N ILE B 12 4.48 -6.10 4.42
CA ILE B 12 4.62 -4.76 4.97
C ILE B 12 3.34 -3.95 4.81
N ALA B 13 2.85 -3.40 5.92
CA ALA B 13 1.70 -2.50 5.90
C ALA B 13 2.17 -1.07 6.18
N PHE B 14 1.66 -0.14 5.39
CA PHE B 14 1.94 1.28 5.60
C PHE B 14 0.62 2.02 5.78
N CYS B 15 0.37 2.47 7.00
CA CYS B 15 -0.85 3.20 7.34
C CYS B 15 -0.63 4.70 7.27
N SER B 16 -1.73 5.43 7.13
CA SER B 16 -1.69 6.89 6.97
C SER B 16 -1.44 7.64 8.30
N SER B 17 -1.68 6.98 9.43
CA SER B 17 -1.52 7.61 10.74
C SER B 17 -1.19 6.64 11.86
N THR B 18 -0.69 7.17 12.97
CA THR B 18 -0.55 6.43 14.22
C THR B 18 -1.95 6.06 14.74
N PRO B 19 -2.05 4.94 15.48
CA PRO B 19 -3.33 4.54 16.08
C PRO B 19 -3.96 5.60 16.98
N ASP B 20 -5.30 5.64 17.00
CA ASP B 20 -6.10 6.63 17.74
C ASP B 20 -6.30 7.95 16.97
N ASN B 21 -5.53 8.14 15.90
CA ASN B 21 -5.47 9.45 15.26
C ASN B 21 -5.99 9.52 13.81
N VAL B 22 -6.29 10.74 13.35
CA VAL B 22 -6.93 10.97 12.05
C VAL B 22 -5.94 11.07 10.90
N SER B 23 -6.45 10.85 9.69
CA SER B 23 -5.70 11.08 8.47
C SER B 23 -6.52 12.04 7.61
N TRP B 24 -5.84 13.04 7.04
CA TRP B 24 -6.52 14.13 6.35
C TRP B 24 -6.73 13.90 4.87
N ARG B 25 -7.61 14.72 4.28
CA ARG B 25 -7.91 14.66 2.85
C ARG B 25 -8.47 15.99 2.33
N HIS B 26 -7.81 16.54 1.30
CA HIS B 26 -8.26 17.76 0.62
C HIS B 26 -9.29 17.40 -0.45
N PRO B 27 -10.36 18.18 -0.59
CA PRO B 27 -11.46 17.86 -1.51
C PRO B 27 -11.11 17.94 -3.00
N THR B 28 -10.09 18.70 -3.37
CA THR B 28 -9.64 18.77 -4.76
C THR B 28 -8.24 18.17 -4.95
N MET B 29 -7.49 18.04 -3.86
CA MET B 29 -6.10 17.58 -3.95
C MET B 29 -5.89 16.15 -3.41
N GLY B 30 -6.98 15.50 -3.00
CA GLY B 30 -6.92 14.14 -2.50
C GLY B 30 -6.29 14.03 -1.12
N SER B 31 -5.96 12.80 -0.72
CA SER B 31 -5.33 12.54 0.59
C SER B 31 -3.86 12.93 0.63
N VAL B 32 -3.44 13.51 1.74
CA VAL B 32 -2.06 13.96 1.94
C VAL B 32 -1.09 12.78 1.92
N PHE B 33 -1.44 11.71 2.62
CA PHE B 33 -0.59 10.52 2.73
C PHE B 33 -0.33 9.88 1.38
N ILE B 34 -1.40 9.69 0.62
CA ILE B 34 -1.32 9.11 -0.73
C ILE B 34 -0.45 9.98 -1.65
N GLY B 35 -0.78 11.27 -1.73
CA GLY B 35 -0.02 12.21 -2.53
C GLY B 35 1.45 12.22 -2.17
N ARG B 36 1.74 12.26 -0.87
CA ARG B 36 3.11 12.24 -0.38
C ARG B 36 3.81 10.93 -0.75
N LEU B 37 3.07 9.82 -0.70
CA LEU B 37 3.61 8.50 -1.05
C LEU B 37 3.93 8.40 -2.54
N ILE B 38 3.05 8.91 -3.40
CA ILE B 38 3.29 8.91 -4.84
C ILE B 38 4.54 9.73 -5.14
N GLU B 39 4.55 10.98 -4.68
CA GLU B 39 5.70 11.86 -4.78
C GLU B 39 7.01 11.13 -4.45
N HIS B 40 7.03 10.45 -3.32
CA HIS B 40 8.24 9.83 -2.80
C HIS B 40 8.64 8.57 -3.54
N MET B 41 7.65 7.75 -3.91
CA MET B 41 7.88 6.60 -4.76
C MET B 41 8.45 7.05 -6.11
N GLN B 42 7.76 8.00 -6.74
CA GLN B 42 8.22 8.58 -8.01
C GLN B 42 9.69 8.97 -7.98
N GLU B 43 10.13 9.47 -6.83
CA GLU B 43 11.47 10.04 -6.66
C GLU B 43 12.51 9.07 -6.07
N TYR B 44 12.07 8.08 -5.27
CA TYR B 44 13.00 7.21 -4.54
C TYR B 44 12.96 5.71 -4.86
N ALA B 45 11.97 5.27 -5.65
CA ALA B 45 11.84 3.85 -5.98
C ALA B 45 13.08 3.28 -6.67
N CYS B 46 13.78 4.14 -7.42
CA CYS B 46 14.99 3.74 -8.13
C CYS B 46 16.19 3.41 -7.24
N SER B 47 16.25 4.01 -6.04
CA SER B 47 17.45 3.89 -5.22
C SER B 47 17.26 3.24 -3.85
N CYS B 48 16.11 3.47 -3.21
CA CYS B 48 15.86 2.92 -1.89
C CYS B 48 14.87 1.77 -1.90
N ASP B 49 14.93 0.92 -0.88
CA ASP B 49 13.94 -0.14 -0.72
C ASP B 49 12.65 0.46 -0.14
N VAL B 50 11.55 -0.29 -0.21
CA VAL B 50 10.24 0.27 0.20
C VAL B 50 10.17 0.68 1.67
N GLU B 51 10.84 -0.08 2.53
CA GLU B 51 10.92 0.22 3.96
C GLU B 51 11.48 1.64 4.14
N GLU B 52 12.60 1.91 3.47
CA GLU B 52 13.27 3.23 3.52
C GLU B 52 12.39 4.35 2.99
N ILE B 53 11.66 4.08 1.90
CA ILE B 53 10.79 5.06 1.27
C ILE B 53 9.68 5.47 2.24
N PHE B 54 9.17 4.49 2.99
CA PHE B 54 8.14 4.72 3.97
C PHE B 54 8.69 5.58 5.11
N ARG B 55 9.93 5.31 5.51
CA ARG B 55 10.60 6.09 6.54
C ARG B 55 10.73 7.53 6.10
N LYS B 56 11.09 7.72 4.83
CA LYS B 56 11.23 9.06 4.26
C LYS B 56 9.88 9.78 4.19
N VAL B 57 8.84 9.05 3.84
CA VAL B 57 7.49 9.62 3.81
C VAL B 57 7.10 10.08 5.22
N ARG B 58 7.42 9.26 6.22
CA ARG B 58 7.26 9.62 7.62
C ARG B 58 8.07 10.88 7.97
N PHE B 59 9.29 10.96 7.45
CA PHE B 59 10.17 12.09 7.74
C PHE B 59 9.64 13.41 7.19
N SER B 60 8.91 13.36 6.08
CA SER B 60 8.33 14.56 5.47
C SER B 60 7.18 15.13 6.29
N PHE B 61 6.66 14.32 7.21
CA PHE B 61 5.57 14.70 8.11
C PHE B 61 6.11 15.22 9.45
N GLU B 62 7.42 15.09 9.65
CA GLU B 62 8.10 15.45 10.91
C GLU B 62 7.62 16.76 11.54
N GLN B 63 7.62 17.83 10.75
CA GLN B 63 7.17 19.15 11.23
C GLN B 63 5.69 19.31 11.00
N PRO B 64 4.92 19.37 12.09
CA PRO B 64 3.45 19.46 11.99
C PRO B 64 2.97 20.90 11.85
N ASP B 65 1.69 21.05 11.56
CA ASP B 65 1.07 22.36 11.35
C ASP B 65 -0.39 22.31 11.79
N GLY B 66 -1.27 22.98 11.05
CA GLY B 66 -2.69 23.01 11.34
C GLY B 66 -3.32 21.63 11.34
N ARG B 67 -2.91 20.81 10.38
CA ARG B 67 -3.35 19.42 10.28
C ARG B 67 -2.13 18.50 10.43
N ALA B 68 -2.14 17.65 11.45
CA ALA B 68 -1.01 16.76 11.70
C ALA B 68 -1.38 15.28 11.65
N GLN B 69 -0.47 14.50 11.09
CA GLN B 69 -0.58 13.04 11.05
C GLN B 69 0.79 12.39 10.85
N MET B 70 0.94 11.22 11.44
CA MET B 70 2.22 10.50 11.40
C MET B 70 1.98 9.08 10.89
N PRO B 71 2.22 8.88 9.59
CA PRO B 71 2.13 7.56 8.97
C PRO B 71 2.90 6.51 9.77
N THR B 72 2.40 5.28 9.74
CA THR B 72 2.95 4.23 10.59
C THR B 72 3.11 2.94 9.78
N THR B 73 4.25 2.31 9.95
CA THR B 73 4.49 1.01 9.33
C THR B 73 4.07 -0.07 10.32
N GLU B 74 3.35 -1.07 9.82
CA GLU B 74 2.79 -2.13 10.66
C GLU B 74 3.14 -3.53 10.15
N ARG B 75 3.19 -4.49 11.09
CA ARG B 75 3.32 -5.90 10.80
C ARG B 75 4.33 -6.19 9.70
N VAL B 76 5.58 -5.78 9.91
CA VAL B 76 6.64 -6.05 8.94
C VAL B 76 7.26 -7.43 9.15
N THR B 77 7.23 -8.25 8.11
CA THR B 77 7.87 -9.57 8.12
C THR B 77 8.76 -9.77 6.90
N LEU B 78 9.18 -8.68 6.28
CA LEU B 78 10.13 -8.73 5.18
C LEU B 78 11.48 -9.22 5.71
N THR B 79 12.01 -10.27 5.09
CA THR B 79 13.31 -10.84 5.47
C THR B 79 14.41 -10.32 4.56
N ARG B 80 14.01 -9.58 3.54
CA ARG B 80 14.92 -9.03 2.54
C ARG B 80 14.51 -7.61 2.18
N CYS B 81 15.41 -6.87 1.53
CA CYS B 81 15.09 -5.55 1.02
C CYS B 81 14.30 -5.68 -0.27
N PHE B 82 13.22 -4.93 -0.36
CA PHE B 82 12.41 -4.91 -1.57
C PHE B 82 12.77 -3.67 -2.36
N TYR B 83 13.47 -3.87 -3.47
CA TYR B 83 13.74 -2.79 -4.42
C TYR B 83 12.82 -2.95 -5.63
N LEU B 84 12.24 -1.85 -6.09
CA LEU B 84 11.31 -1.90 -7.21
C LEU B 84 12.03 -1.99 -8.55
N PHE B 85 13.26 -1.49 -8.60
CA PHE B 85 14.06 -1.40 -9.82
C PHE B 85 13.25 -0.86 -11.00
N PRO B 86 12.60 0.30 -10.87
CA PRO B 86 11.73 0.81 -11.94
C PRO B 86 12.45 0.82 -13.29
N GLY B 87 11.73 0.41 -14.33
CA GLY B 87 12.29 0.27 -15.66
C GLY B 87 12.89 -1.10 -15.90
N HIS B 88 12.79 -1.97 -14.90
CA HIS B 88 13.23 -3.36 -15.00
C HIS B 88 12.13 -4.25 -14.50
#